data_5FR0
#
_entry.id   5FR0
#
_cell.length_a   99.530
_cell.length_b   99.530
_cell.length_c   95.310
_cell.angle_alpha   90.00
_cell.angle_beta   90.00
_cell.angle_gamma   120.00
#
_symmetry.space_group_name_H-M   'P 32 2 1'
#
loop_
_entity.id
_entity.type
_entity.pdbx_description
1 polymer BETA-N-ACETYLGALACTOSAMINIDASE
2 non-polymer 2-deoxy-2-[(difluoroacetyl)amino]-beta-D-galactopyranose
3 non-polymer 'PHOSPHATE ION'
4 water water
#
_entity_poly.entity_id   1
_entity_poly.type   'polypeptide(L)'
_entity_poly.pdbx_seq_one_letter_code
;MGSSHHHHHHSSGLVPRGSHMASMKKDTTLGASIGSTDFHYLQKDYDEIKKLNLNTWNEVAWIGDELNSKIVMWTNSSPV
NNVTLSSSDFINENGDLISSNNIKISWLKETLANIGRSNPSAPLEPFPDIIHNSGSLNIEKNKIASAWINIKIPRNAKPG
IYNGSIEVTADELEKSYTFDYSFEVLNLVQPLPSETNTQIEFWQHPYTIARYYKICKEDLFTEKHFKYLRGNLKEYRNMG
GRGVIATIVHEAWNHQSYDSDPSMIKWRKNSYGTFEFDYSHFDKWIQLNIDLGILDPEKGFGQIKCYSIVPWNNRIQYFN
EATNKEEAINPTPGSDLWINIWTQFLTSFMSHLEEKGWFNITYISMDERSMDDLKACVDLIENITNNSYEHFKISSAMDY
ESGNDYSFLDRIDDISIGLSHINHNSDDMKNMATHRQELGLLTTIYTCTGDYPSSFTISDPSEGAFTIWYSLYQNTNGFL
RWSWDGWVENPLENVSYKYWEPGDPFLIYPAEKDSIGKTFYSTPRLEKLKEGIRDINKAKYLMEKAPNLKNSIENLIYSL
KRPNKGENAYGSAVAASKEDRDLTISEANRIKNGINNFAREFISLTMETL
;
_entity_poly.pdbx_strand_id   A
#
# COMPACT_ATOMS: atom_id res chain seq x y z
N THR A 29 37.24 -7.75 -8.26
CA THR A 29 36.23 -7.98 -9.34
C THR A 29 34.83 -7.71 -8.81
N LEU A 30 34.47 -8.33 -7.68
CA LEU A 30 33.12 -8.14 -7.08
C LEU A 30 33.25 -7.97 -5.57
N GLY A 31 32.66 -6.90 -5.07
CA GLY A 31 32.56 -6.64 -3.65
C GLY A 31 31.11 -6.96 -3.22
N ALA A 32 30.93 -7.26 -1.94
CA ALA A 32 29.59 -7.59 -1.45
C ALA A 32 29.51 -7.38 0.03
N SER A 33 28.32 -7.04 0.52
CA SER A 33 28.09 -6.90 1.94
C SER A 33 26.59 -6.97 2.19
N ILE A 34 26.21 -7.35 3.37
CA ILE A 34 24.79 -7.21 3.76
C ILE A 34 24.51 -5.69 3.78
N GLY A 35 23.31 -5.33 3.39
CA GLY A 35 22.84 -3.96 3.42
C GLY A 35 21.52 -3.89 4.13
N SER A 36 21.19 -2.66 4.52
CA SER A 36 19.94 -2.36 5.17
C SER A 36 18.80 -2.35 4.17
N THR A 37 17.59 -2.76 4.60
CA THR A 37 16.42 -2.55 3.79
C THR A 37 15.78 -1.20 4.06
N ASP A 38 16.33 -0.42 5.01
CA ASP A 38 15.74 0.86 5.44
C ASP A 38 15.85 1.93 4.40
N PHE A 39 16.86 1.86 3.57
CA PHE A 39 17.14 2.90 2.58
C PHE A 39 17.70 2.29 1.31
N HIS A 40 17.79 3.12 0.26
CA HIS A 40 18.32 2.68 -1.01
C HIS A 40 19.84 2.82 -1.11
N TYR A 41 20.46 1.84 -1.76
CA TYR A 41 21.82 1.94 -2.18
C TYR A 41 21.84 2.44 -3.61
N LEU A 42 22.27 3.69 -3.76
CA LEU A 42 22.23 4.41 -5.02
C LEU A 42 23.63 4.49 -5.70
N GLN A 43 23.59 4.54 -7.02
CA GLN A 43 24.85 4.58 -7.80
C GLN A 43 25.70 5.80 -7.40
N LYS A 44 25.05 6.91 -7.12
CA LYS A 44 25.74 8.15 -6.75
C LYS A 44 26.52 7.98 -5.47
N ASP A 45 26.11 7.01 -4.65
CA ASP A 45 26.81 6.69 -3.44
C ASP A 45 27.82 5.55 -3.61
N TYR A 46 28.15 5.19 -4.85
CA TYR A 46 29.15 4.14 -5.15
C TYR A 46 30.41 4.21 -4.29
N ASP A 47 30.97 5.42 -4.24
CA ASP A 47 32.19 5.65 -3.52
C ASP A 47 32.08 5.20 -2.05
N GLU A 48 30.97 5.50 -1.41
CA GLU A 48 30.80 5.14 0.04
C GLU A 48 30.41 3.64 0.25
N ILE A 49 29.50 3.18 -0.60
CA ILE A 49 29.01 1.80 -0.57
C ILE A 49 30.16 0.80 -0.70
N LYS A 50 31.12 1.13 -1.55
CA LYS A 50 32.34 0.33 -1.73
C LYS A 50 33.06 -0.05 -0.46
N LYS A 51 32.84 0.72 0.61
CA LYS A 51 33.48 0.51 1.87
C LYS A 51 32.78 -0.50 2.78
N LEU A 52 31.60 -1.01 2.40
CA LEU A 52 30.83 -1.84 3.34
C LEU A 52 31.44 -3.24 3.56
N ASN A 53 31.28 -3.78 4.74
CA ASN A 53 31.82 -5.09 5.05
C ASN A 53 31.03 -5.82 6.15
N LEU A 54 29.71 -5.88 6.04
CA LEU A 54 28.90 -6.51 7.08
C LEU A 54 28.65 -7.93 6.60
N ASN A 55 29.02 -8.90 7.42
CA ASN A 55 28.95 -10.28 7.01
C ASN A 55 27.96 -11.16 7.80
N THR A 56 27.18 -10.56 8.72
CA THR A 56 26.16 -11.33 9.50
C THR A 56 24.91 -10.47 9.69
N TRP A 57 23.80 -11.16 9.91
CA TRP A 57 22.51 -10.54 10.07
C TRP A 57 21.72 -11.47 11.00
N ASN A 58 21.04 -10.87 11.93
CA ASN A 58 20.04 -11.56 12.74
C ASN A 58 18.78 -10.72 12.98
N GLU A 59 17.63 -11.40 13.03
CA GLU A 59 16.36 -10.76 13.30
C GLU A 59 15.43 -11.72 14.05
N VAL A 60 14.31 -11.18 14.50
CA VAL A 60 13.31 -11.92 15.27
C VAL A 60 11.99 -11.94 14.52
N ALA A 61 11.38 -13.09 14.44
CA ALA A 61 10.14 -13.29 13.71
C ALA A 61 9.15 -14.09 14.52
N TRP A 62 7.87 -14.00 14.22
CA TRP A 62 6.88 -14.93 14.83
C TRP A 62 6.62 -16.06 13.82
N ILE A 63 5.92 -17.11 14.25
CA ILE A 63 5.50 -18.18 13.34
C ILE A 63 4.56 -17.55 12.35
N GLY A 64 4.72 -17.79 11.06
CA GLY A 64 3.79 -17.21 10.08
C GLY A 64 4.15 -15.78 9.63
N ASP A 65 5.31 -15.31 10.09
CA ASP A 65 5.85 -13.93 9.87
C ASP A 65 6.72 -13.90 8.57
N GLU A 66 7.20 -12.72 8.20
CA GLU A 66 8.17 -12.65 7.09
C GLU A 66 9.18 -11.64 7.51
N LEU A 67 10.39 -11.84 7.03
CA LEU A 67 11.53 -10.97 7.28
C LEU A 67 12.16 -10.60 5.94
N ASN A 68 12.84 -9.46 5.93
CA ASN A 68 13.53 -9.01 4.73
C ASN A 68 14.95 -8.60 5.04
N SER A 69 15.82 -8.81 4.07
CA SER A 69 17.18 -8.31 4.18
C SER A 69 17.67 -7.90 2.79
N LYS A 70 18.98 -7.69 2.62
CA LYS A 70 19.45 -7.25 1.34
C LYS A 70 20.95 -7.48 1.29
N ILE A 71 21.46 -7.86 0.12
CA ILE A 71 22.92 -7.90 -0.17
C ILE A 71 23.24 -6.88 -1.25
N VAL A 72 24.28 -6.07 -1.00
CA VAL A 72 24.67 -5.00 -1.92
C VAL A 72 26.02 -5.43 -2.46
N MET A 73 26.18 -5.31 -3.78
CA MET A 73 27.35 -5.76 -4.48
C MET A 73 27.88 -4.62 -5.36
N TRP A 74 29.16 -4.64 -5.70
CA TRP A 74 29.65 -3.59 -6.55
C TRP A 74 30.80 -4.12 -7.40
N THR A 75 30.86 -3.62 -8.60
CA THR A 75 31.96 -3.95 -9.49
C THR A 75 33.00 -2.83 -9.48
N ASN A 76 34.17 -3.12 -10.02
CA ASN A 76 35.17 -2.07 -10.30
C ASN A 76 35.43 -1.93 -11.80
N SER A 77 36.69 -1.94 -12.22
CA SER A 77 36.99 -1.70 -13.63
C SER A 77 36.47 -2.77 -14.60
N SER A 78 36.27 -4.00 -14.13
CA SER A 78 35.80 -5.06 -15.04
C SER A 78 34.34 -5.41 -14.77
N PRO A 79 33.56 -5.65 -15.83
CA PRO A 79 32.24 -6.24 -15.64
C PRO A 79 32.36 -7.65 -15.06
N VAL A 80 31.32 -8.08 -14.34
CA VAL A 80 31.28 -9.37 -13.72
C VAL A 80 30.01 -10.07 -14.22
N ASN A 81 30.13 -11.26 -14.78
CA ASN A 81 29.02 -11.96 -15.32
C ASN A 81 28.57 -13.09 -14.38
N ASN A 82 27.30 -13.39 -14.54
CA ASN A 82 26.62 -14.54 -13.91
C ASN A 82 26.70 -14.55 -12.42
N VAL A 83 26.38 -13.39 -11.85
CA VAL A 83 26.31 -13.25 -10.41
C VAL A 83 25.02 -13.92 -9.94
N THR A 84 25.16 -14.82 -8.98
CA THR A 84 24.01 -15.56 -8.44
C THR A 84 24.13 -15.60 -6.94
N LEU A 85 22.97 -15.54 -6.30
CA LEU A 85 22.89 -15.69 -4.85
C LEU A 85 22.08 -16.95 -4.51
N SER A 86 22.58 -17.73 -3.58
CA SER A 86 21.86 -18.99 -3.27
C SER A 86 21.67 -19.13 -1.77
N SER A 87 20.47 -19.52 -1.31
CA SER A 87 20.24 -19.72 0.12
C SER A 87 20.40 -21.19 0.51
N SER A 88 20.98 -21.41 1.67
CA SER A 88 20.98 -22.74 2.30
C SER A 88 19.60 -22.93 2.86
N ASP A 89 19.39 -24.10 3.45
CA ASP A 89 18.20 -24.27 4.24
C ASP A 89 18.49 -23.59 5.57
N PHE A 90 17.44 -23.28 6.31
CA PHE A 90 17.53 -22.71 7.64
C PHE A 90 17.16 -23.77 8.72
N ILE A 91 18.06 -23.94 9.68
CA ILE A 91 17.96 -25.09 10.61
C ILE A 91 17.99 -24.59 12.05
N ASN A 92 17.06 -25.04 12.89
CA ASN A 92 17.04 -24.56 14.25
C ASN A 92 17.82 -25.54 15.16
N GLU A 93 17.86 -25.26 16.45
CA GLU A 93 18.67 -26.08 17.37
C GLU A 93 18.21 -27.55 17.47
N ASN A 94 16.94 -27.79 17.19
N ASN A 94 16.93 -27.78 17.22
CA ASN A 94 16.38 -29.14 17.16
CA ASN A 94 16.35 -29.13 17.15
C ASN A 94 16.42 -29.79 15.75
C ASN A 94 16.63 -29.85 15.83
N GLY A 95 17.05 -29.11 14.81
CA GLY A 95 17.30 -29.67 13.49
C GLY A 95 16.11 -29.53 12.55
N ASP A 96 15.07 -28.81 13.01
CA ASP A 96 13.87 -28.54 12.21
C ASP A 96 14.22 -27.63 11.05
N LEU A 97 13.51 -27.83 9.93
CA LEU A 97 13.90 -27.23 8.65
C LEU A 97 12.97 -26.13 8.24
N ILE A 98 13.54 -24.97 7.89
CA ILE A 98 12.82 -24.05 7.02
C ILE A 98 13.59 -24.13 5.72
N SER A 99 12.92 -24.70 4.72
CA SER A 99 13.51 -24.95 3.39
C SER A 99 13.96 -23.68 2.72
N SER A 100 15.04 -23.77 1.96
CA SER A 100 15.52 -22.67 1.14
C SER A 100 14.46 -22.13 0.18
N ASN A 101 13.46 -22.95 -0.20
CA ASN A 101 12.30 -22.51 -0.96
C ASN A 101 11.53 -21.36 -0.32
N ASN A 102 11.65 -21.14 0.99
CA ASN A 102 10.93 -20.06 1.65
C ASN A 102 11.67 -18.73 1.58
N ILE A 103 12.83 -18.74 0.95
CA ILE A 103 13.71 -17.60 0.88
C ILE A 103 13.79 -17.21 -0.58
N LYS A 104 13.27 -16.05 -0.95
CA LYS A 104 13.35 -15.62 -2.31
C LYS A 104 14.33 -14.47 -2.42
N ILE A 105 15.37 -14.66 -3.23
CA ILE A 105 16.35 -13.62 -3.45
C ILE A 105 16.14 -13.00 -4.86
N SER A 106 15.89 -11.70 -4.91
CA SER A 106 15.44 -11.05 -6.13
C SER A 106 16.29 -9.81 -6.35
N TRP A 107 16.89 -9.71 -7.53
CA TRP A 107 17.59 -8.47 -7.88
C TRP A 107 16.64 -7.26 -7.82
N LEU A 108 17.17 -6.16 -7.32
CA LEU A 108 16.50 -4.93 -7.30
C LEU A 108 16.84 -4.24 -8.59
N LYS A 109 15.82 -3.91 -9.34
CA LYS A 109 16.04 -3.30 -10.64
C LYS A 109 15.92 -1.83 -10.46
N GLU A 110 16.81 -1.07 -11.13
CA GLU A 110 16.67 0.39 -11.13
C GLU A 110 15.76 0.89 -12.24
N THR A 111 15.05 1.97 -11.91
CA THR A 111 14.29 2.74 -12.84
C THR A 111 14.63 4.22 -12.70
N LEU A 112 14.37 4.96 -13.75
CA LEU A 112 14.72 6.40 -13.72
C LEU A 112 13.61 7.22 -13.08
N ALA A 113 13.98 8.11 -12.17
CA ALA A 113 13.01 9.07 -11.51
C ALA A 113 13.57 10.50 -11.49
N ASN A 114 12.79 11.40 -12.04
CA ASN A 114 12.91 12.81 -11.77
C ASN A 114 12.70 12.99 -10.29
N ILE A 115 13.71 13.59 -9.64
CA ILE A 115 13.67 13.69 -8.19
C ILE A 115 12.81 14.82 -7.63
N GLY A 116 12.12 15.57 -8.49
CA GLY A 116 11.38 16.72 -8.05
C GLY A 116 9.91 16.50 -8.04
N ARG A 117 9.21 17.58 -7.79
CA ARG A 117 7.76 17.61 -7.84
C ARG A 117 7.35 18.77 -8.70
N SER A 118 6.66 18.46 -9.78
CA SER A 118 6.24 19.46 -10.76
C SER A 118 7.45 20.30 -11.20
N ASN A 119 8.59 19.65 -11.35
CA ASN A 119 9.86 20.32 -11.71
C ASN A 119 10.56 19.54 -12.81
N PRO A 120 10.26 19.88 -14.07
CA PRO A 120 10.82 19.20 -15.24
C PRO A 120 12.34 19.27 -15.34
N SER A 121 12.96 20.21 -14.66
CA SER A 121 14.40 20.39 -14.76
C SER A 121 15.17 19.55 -13.76
N ALA A 122 14.46 18.90 -12.83
CA ALA A 122 15.09 18.19 -11.72
C ALA A 122 15.89 17.00 -12.22
N PRO A 123 16.93 16.57 -11.50
CA PRO A 123 17.77 15.44 -11.93
C PRO A 123 16.97 14.17 -12.12
N LEU A 124 17.26 13.45 -13.18
CA LEU A 124 16.67 12.16 -13.52
C LEU A 124 17.71 11.17 -13.06
N GLU A 125 17.37 10.38 -12.05
CA GLU A 125 18.38 9.53 -11.39
C GLU A 125 17.83 8.13 -11.28
N PRO A 126 18.69 7.14 -11.17
CA PRO A 126 18.18 5.75 -11.05
C PRO A 126 17.91 5.39 -9.58
N PHE A 127 16.85 4.62 -9.32
CA PHE A 127 16.47 4.19 -7.96
C PHE A 127 16.11 2.71 -8.01
N PRO A 128 16.66 1.93 -7.06
CA PRO A 128 16.40 0.48 -6.95
C PRO A 128 15.02 0.20 -6.27
N ASP A 129 13.98 0.63 -6.94
CA ASP A 129 12.63 0.57 -6.40
C ASP A 129 11.88 -0.72 -6.70
N ILE A 130 12.44 -1.59 -7.54
CA ILE A 130 11.72 -2.76 -8.07
C ILE A 130 12.35 -4.04 -7.55
N ILE A 131 11.53 -4.84 -6.85
CA ILE A 131 11.92 -6.18 -6.44
C ILE A 131 11.64 -7.06 -7.63
N HIS A 132 12.71 -7.36 -8.33
CA HIS A 132 12.54 -7.85 -9.69
C HIS A 132 12.70 -9.36 -9.77
N ASN A 133 13.65 -9.91 -10.55
CA ASN A 133 13.70 -11.33 -10.73
C ASN A 133 14.81 -12.02 -9.99
N SER A 134 14.56 -13.29 -9.71
N SER A 134 14.59 -13.29 -9.69
CA SER A 134 15.56 -14.17 -9.15
CA SER A 134 15.65 -14.10 -9.11
C SER A 134 16.53 -14.66 -10.25
C SER A 134 16.57 -14.61 -10.23
N GLY A 135 17.56 -15.40 -9.86
CA GLY A 135 18.48 -16.03 -10.84
C GLY A 135 19.69 -15.14 -11.10
N SER A 136 20.23 -15.19 -12.30
CA SER A 136 21.57 -14.67 -12.56
C SER A 136 21.54 -13.25 -13.11
N LEU A 137 22.60 -12.50 -12.85
CA LEU A 137 22.73 -11.14 -13.33
C LEU A 137 24.19 -10.87 -13.74
N ASN A 138 24.33 -10.23 -14.87
CA ASN A 138 25.59 -9.63 -15.29
C ASN A 138 25.61 -8.15 -14.93
N ILE A 139 26.72 -7.74 -14.31
CA ILE A 139 26.84 -6.39 -13.82
C ILE A 139 28.00 -5.70 -14.60
N GLU A 140 27.72 -4.51 -15.10
CA GLU A 140 28.71 -3.67 -15.78
C GLU A 140 29.73 -3.11 -14.79
N LYS A 141 30.82 -2.61 -15.35
CA LYS A 141 31.92 -2.08 -14.55
C LYS A 141 31.45 -0.88 -13.72
N ASN A 142 32.06 -0.69 -12.56
CA ASN A 142 31.85 0.48 -11.71
C ASN A 142 30.38 0.68 -11.38
N LYS A 143 29.77 -0.40 -10.93
CA LYS A 143 28.31 -0.35 -10.69
C LYS A 143 27.96 -0.91 -9.32
N ILE A 144 26.85 -0.40 -8.77
CA ILE A 144 26.18 -0.98 -7.60
C ILE A 144 25.04 -1.81 -8.10
N ALA A 145 24.84 -2.99 -7.50
CA ALA A 145 23.68 -3.80 -7.75
C ALA A 145 23.36 -4.48 -6.44
N SER A 146 22.10 -4.51 -6.07
CA SER A 146 21.67 -5.13 -4.81
C SER A 146 20.53 -6.12 -5.09
N ALA A 147 20.37 -7.06 -4.17
CA ALA A 147 19.40 -8.15 -4.24
C ALA A 147 18.60 -8.13 -2.95
N TRP A 148 17.28 -8.11 -3.07
CA TRP A 148 16.36 -8.21 -1.92
C TRP A 148 16.18 -9.67 -1.47
N ILE A 149 16.14 -9.87 -0.18
CA ILE A 149 16.00 -11.20 0.40
C ILE A 149 14.68 -11.19 1.14
N ASN A 150 13.76 -12.08 0.76
CA ASN A 150 12.49 -12.24 1.45
C ASN A 150 12.45 -13.62 2.10
N ILE A 151 12.20 -13.62 3.40
CA ILE A 151 12.15 -14.89 4.16
C ILE A 151 10.77 -15.12 4.67
N LYS A 152 10.10 -16.21 4.28
CA LYS A 152 8.78 -16.49 4.80
C LYS A 152 8.89 -17.58 5.85
N ILE A 153 8.35 -17.32 7.03
CA ILE A 153 8.35 -18.31 8.12
C ILE A 153 7.01 -19.01 8.03
N PRO A 154 6.99 -20.32 7.66
CA PRO A 154 5.74 -21.07 7.61
C PRO A 154 4.86 -20.93 8.87
N ARG A 155 3.54 -20.92 8.67
CA ARG A 155 2.59 -20.86 9.74
C ARG A 155 2.61 -22.10 10.64
N ASN A 156 3.22 -23.18 10.18
CA ASN A 156 3.47 -24.32 11.04
C ASN A 156 4.93 -24.54 11.43
N ALA A 157 5.78 -23.53 11.23
CA ALA A 157 7.16 -23.62 11.62
C ALA A 157 7.27 -23.80 13.14
N LYS A 158 8.29 -24.55 13.54
CA LYS A 158 8.61 -24.75 14.92
C LYS A 158 9.36 -23.55 15.41
N PRO A 159 9.13 -23.13 16.66
CA PRO A 159 9.99 -22.07 17.24
C PRO A 159 11.44 -22.46 17.38
N GLY A 160 12.32 -21.47 17.46
CA GLY A 160 13.75 -21.75 17.68
C GLY A 160 14.63 -20.75 17.01
N ILE A 161 15.94 -20.90 17.16
CA ILE A 161 16.86 -20.00 16.52
C ILE A 161 17.37 -20.71 15.28
N TYR A 162 17.08 -20.13 14.12
CA TYR A 162 17.36 -20.75 12.85
C TYR A 162 18.59 -20.11 12.22
N ASN A 163 19.51 -20.96 11.80
CA ASN A 163 20.74 -20.48 11.11
C ASN A 163 20.81 -20.95 9.64
N GLY A 164 21.29 -20.06 8.78
CA GLY A 164 21.42 -20.40 7.39
C GLY A 164 22.48 -19.51 6.79
N SER A 165 22.69 -19.67 5.51
CA SER A 165 23.68 -18.83 4.86
C SER A 165 23.28 -18.55 3.44
N ILE A 166 23.69 -17.38 2.95
CA ILE A 166 23.55 -16.99 1.60
C ILE A 166 24.92 -16.83 0.93
N GLU A 167 25.10 -17.51 -0.21
CA GLU A 167 26.36 -17.50 -0.95
C GLU A 167 26.21 -16.68 -2.25
N VAL A 168 27.21 -15.85 -2.50
CA VAL A 168 27.27 -15.08 -3.70
C VAL A 168 28.47 -15.60 -4.53
N THR A 169 28.22 -15.99 -5.76
CA THR A 169 29.25 -16.45 -6.69
C THR A 169 29.15 -15.69 -8.00
N ALA A 170 30.20 -15.73 -8.81
CA ALA A 170 30.09 -15.17 -10.14
C ALA A 170 31.33 -15.71 -10.88
N ASP A 171 31.25 -15.70 -12.20
CA ASP A 171 32.30 -16.27 -13.07
C ASP A 171 33.72 -15.81 -12.74
N GLU A 172 33.87 -14.50 -12.55
CA GLU A 172 35.20 -13.91 -12.39
C GLU A 172 35.70 -14.00 -10.94
N LEU A 173 34.77 -14.28 -10.03
CA LEU A 173 34.99 -14.10 -8.63
C LEU A 173 35.77 -15.27 -8.05
N GLU A 174 37.02 -14.98 -7.67
CA GLU A 174 37.93 -15.96 -7.10
C GLU A 174 37.46 -16.55 -5.75
N LYS A 175 37.25 -15.70 -4.73
CA LYS A 175 36.68 -16.13 -3.45
C LYS A 175 35.22 -15.76 -3.41
N SER A 176 34.34 -16.75 -3.30
CA SER A 176 32.90 -16.48 -3.19
C SER A 176 32.61 -15.87 -1.81
N TYR A 177 31.44 -15.24 -1.66
CA TYR A 177 30.98 -14.71 -0.37
C TYR A 177 29.94 -15.60 0.25
N THR A 178 30.08 -15.87 1.55
CA THR A 178 29.08 -16.57 2.30
C THR A 178 28.70 -15.62 3.42
N PHE A 179 27.42 -15.31 3.50
CA PHE A 179 26.92 -14.44 4.52
C PHE A 179 26.09 -15.25 5.50
N ASP A 180 26.27 -14.94 6.76
CA ASP A 180 25.73 -15.77 7.82
C ASP A 180 24.43 -15.09 8.33
N TYR A 181 23.30 -15.79 8.17
CA TYR A 181 21.99 -15.32 8.53
C TYR A 181 21.42 -16.16 9.67
N SER A 182 20.74 -15.50 10.59
N SER A 182 20.76 -15.50 10.59
CA SER A 182 20.07 -16.18 11.69
CA SER A 182 20.04 -16.17 11.65
C SER A 182 18.81 -15.42 12.09
C SER A 182 18.75 -15.42 11.94
N PHE A 183 17.72 -16.14 12.36
CA PHE A 183 16.54 -15.48 12.84
C PHE A 183 15.91 -16.36 13.92
N GLU A 184 15.42 -15.71 14.98
CA GLU A 184 14.67 -16.42 15.96
C GLU A 184 13.21 -16.35 15.63
N VAL A 185 12.59 -17.53 15.65
CA VAL A 185 11.15 -17.70 15.51
C VAL A 185 10.62 -17.87 16.93
N LEU A 186 9.86 -16.88 17.37
CA LEU A 186 9.24 -16.92 18.70
C LEU A 186 8.05 -17.82 18.65
N ASN A 187 7.75 -18.45 19.80
CA ASN A 187 6.56 -19.31 19.88
C ASN A 187 5.25 -18.61 20.03
N LEU A 188 4.94 -17.77 19.05
CA LEU A 188 3.66 -17.08 18.90
C LEU A 188 3.35 -17.01 17.43
N VAL A 189 2.07 -16.95 17.08
CA VAL A 189 1.68 -17.05 15.69
C VAL A 189 1.20 -15.70 15.20
N GLN A 190 1.79 -15.29 14.10
CA GLN A 190 1.42 -14.06 13.47
C GLN A 190 -0.05 -14.12 13.09
N PRO A 191 -0.82 -13.12 13.50
CA PRO A 191 -2.25 -13.15 13.18
C PRO A 191 -2.53 -13.17 11.68
N LEU A 192 -3.55 -13.92 11.29
CA LEU A 192 -4.08 -13.75 9.94
C LEU A 192 -4.74 -12.40 9.85
N PRO A 193 -4.75 -11.81 8.66
CA PRO A 193 -5.36 -10.48 8.59
C PRO A 193 -6.83 -10.47 9.00
N SER A 194 -7.55 -11.49 8.59
CA SER A 194 -8.96 -11.64 9.01
C SER A 194 -9.17 -11.60 10.54
N GLU A 195 -8.18 -12.06 11.28
CA GLU A 195 -8.21 -12.16 12.75
C GLU A 195 -7.83 -10.82 13.43
N THR A 196 -7.51 -9.79 12.64
CA THR A 196 -7.13 -8.50 13.20
C THR A 196 -8.22 -7.50 12.95
N ASN A 197 -8.06 -6.33 13.56
CA ASN A 197 -8.97 -5.27 13.30
C ASN A 197 -8.26 -4.15 12.54
N THR A 198 -7.18 -4.49 11.85
CA THR A 198 -6.53 -3.49 10.99
C THR A 198 -7.29 -3.11 9.68
N GLN A 199 -7.49 -1.83 9.44
CA GLN A 199 -8.11 -1.33 8.22
C GLN A 199 -7.03 -0.87 7.26
N ILE A 200 -6.99 -1.47 6.08
CA ILE A 200 -6.04 -1.13 5.01
C ILE A 200 -6.80 -0.92 3.73
N GLU A 201 -6.58 0.21 3.08
CA GLU A 201 -7.30 0.58 1.86
C GLU A 201 -6.34 1.17 0.84
N PHE A 202 -6.08 0.48 -0.26
CA PHE A 202 -5.18 1.04 -1.34
C PHE A 202 -6.01 1.09 -2.60
N TRP A 203 -6.05 2.25 -3.25
CA TRP A 203 -6.91 2.39 -4.39
C TRP A 203 -6.40 1.70 -5.64
N GLN A 204 -7.21 0.79 -6.14
CA GLN A 204 -6.94 0.02 -7.37
C GLN A 204 -7.40 0.74 -8.60
N HIS A 205 -6.73 0.52 -9.75
CA HIS A 205 -7.07 1.21 -10.99
C HIS A 205 -7.09 0.20 -12.11
N PRO A 206 -8.16 -0.61 -12.20
CA PRO A 206 -8.05 -1.75 -13.10
C PRO A 206 -8.06 -1.39 -14.54
N TYR A 207 -8.51 -0.18 -14.88
CA TYR A 207 -8.44 0.24 -16.27
C TYR A 207 -7.01 0.65 -16.64
N THR A 208 -6.23 1.06 -15.65
CA THR A 208 -4.79 1.35 -15.88
C THR A 208 -4.07 0.05 -16.19
N ILE A 209 -4.35 -1.00 -15.42
CA ILE A 209 -3.72 -2.29 -15.68
C ILE A 209 -4.13 -2.77 -17.09
N ALA A 210 -5.39 -2.58 -17.45
CA ALA A 210 -5.86 -2.90 -18.82
C ALA A 210 -5.06 -2.14 -19.88
N ARG A 211 -4.88 -0.84 -19.68
CA ARG A 211 -4.13 -0.06 -20.64
C ARG A 211 -2.76 -0.61 -20.81
N TYR A 212 -2.06 -0.85 -19.70
CA TYR A 212 -0.68 -1.24 -19.78
C TYR A 212 -0.52 -2.57 -20.54
N TYR A 213 -1.44 -3.48 -20.27
CA TYR A 213 -1.35 -4.81 -20.85
C TYR A 213 -2.14 -4.95 -22.13
N LYS A 214 -2.59 -3.81 -22.69
CA LYS A 214 -3.29 -3.77 -23.98
C LYS A 214 -4.56 -4.63 -24.06
N ILE A 215 -5.32 -4.59 -22.98
CA ILE A 215 -6.61 -5.23 -22.84
C ILE A 215 -7.61 -4.31 -23.48
N CYS A 216 -8.36 -4.80 -24.44
CA CYS A 216 -9.24 -3.94 -25.19
C CYS A 216 -10.54 -3.79 -24.48
N LYS A 217 -11.28 -2.76 -24.88
CA LYS A 217 -12.55 -2.42 -24.26
C LYS A 217 -13.47 -3.62 -24.18
N GLU A 218 -13.53 -4.37 -25.26
CA GLU A 218 -14.38 -5.51 -25.43
C GLU A 218 -14.06 -6.64 -24.41
N ASP A 219 -12.83 -6.63 -23.89
CA ASP A 219 -12.36 -7.68 -22.99
C ASP A 219 -12.23 -7.16 -21.55
N LEU A 220 -12.73 -5.96 -21.30
CA LEU A 220 -12.62 -5.39 -19.95
C LEU A 220 -13.47 -6.22 -19.02
N PHE A 221 -12.85 -6.58 -17.91
CA PHE A 221 -13.44 -7.42 -16.83
C PHE A 221 -13.89 -8.78 -17.34
N THR A 222 -13.16 -9.33 -18.32
CA THR A 222 -13.27 -10.73 -18.68
C THR A 222 -12.10 -11.44 -18.10
N GLU A 223 -12.05 -12.77 -18.20
CA GLU A 223 -10.87 -13.51 -17.73
C GLU A 223 -9.58 -12.99 -18.36
N LYS A 224 -9.63 -12.56 -19.61
CA LYS A 224 -8.44 -11.94 -20.23
C LYS A 224 -7.87 -10.76 -19.43
N HIS A 225 -8.76 -9.98 -18.82
CA HIS A 225 -8.35 -8.87 -17.93
C HIS A 225 -7.93 -9.43 -16.56
N PHE A 226 -8.74 -10.34 -16.00
CA PHE A 226 -8.44 -10.93 -14.70
C PHE A 226 -7.09 -11.59 -14.64
N LYS A 227 -6.63 -12.15 -15.75
CA LYS A 227 -5.24 -12.63 -15.84
C LYS A 227 -4.25 -11.66 -15.18
N TYR A 228 -4.50 -10.37 -15.31
CA TYR A 228 -3.51 -9.38 -14.88
C TYR A 228 -3.88 -8.68 -13.59
N LEU A 229 -5.05 -8.98 -13.07
CA LEU A 229 -5.54 -8.43 -11.79
C LEU A 229 -5.43 -9.38 -10.63
N ARG A 230 -5.65 -10.65 -10.87
CA ARG A 230 -5.75 -11.62 -9.77
C ARG A 230 -4.56 -11.64 -8.86
N GLY A 231 -3.35 -11.71 -9.38
CA GLY A 231 -2.20 -11.93 -8.53
C GLY A 231 -1.92 -10.70 -7.65
N ASN A 232 -1.99 -9.49 -8.21
CA ASN A 232 -1.79 -8.31 -7.32
C ASN A 232 -2.98 -8.15 -6.35
N LEU A 233 -4.16 -8.59 -6.69
CA LEU A 233 -5.22 -8.52 -5.69
C LEU A 233 -5.03 -9.54 -4.55
N LYS A 234 -4.49 -10.70 -4.85
CA LYS A 234 -4.10 -11.60 -3.79
C LYS A 234 -3.00 -11.03 -2.90
N GLU A 235 -2.04 -10.34 -3.50
CA GLU A 235 -1.01 -9.61 -2.75
C GLU A 235 -1.67 -8.60 -1.79
N TYR A 236 -2.66 -7.84 -2.28
CA TYR A 236 -3.36 -6.85 -1.50
C TYR A 236 -4.10 -7.54 -0.33
N ARG A 237 -4.84 -8.60 -0.68
CA ARG A 237 -5.54 -9.36 0.31
C ARG A 237 -4.60 -9.90 1.39
N ASN A 238 -3.50 -10.52 0.98
CA ASN A 238 -2.62 -11.19 1.88
C ASN A 238 -1.92 -10.25 2.88
N MET A 239 -1.71 -9.00 2.50
CA MET A 239 -1.12 -8.04 3.41
C MET A 239 -2.11 -7.34 4.34
N GLY A 240 -3.44 -7.56 4.19
CA GLY A 240 -4.49 -6.88 4.98
C GLY A 240 -5.48 -5.96 4.29
N GLY A 241 -5.45 -5.91 2.96
CA GLY A 241 -6.29 -5.05 2.19
C GLY A 241 -7.75 -5.39 2.39
N ARG A 242 -8.56 -4.38 2.69
CA ARG A 242 -10.01 -4.55 2.88
C ARG A 242 -10.83 -3.68 2.03
N GLY A 243 -10.29 -2.54 1.58
CA GLY A 243 -11.12 -1.62 0.84
C GLY A 243 -11.03 -1.83 -0.65
N VAL A 244 -12.16 -1.75 -1.37
CA VAL A 244 -12.13 -1.90 -2.80
C VAL A 244 -12.75 -0.70 -3.42
N ILE A 245 -11.96 0.06 -4.18
CA ILE A 245 -12.49 1.21 -4.87
C ILE A 245 -13.24 0.86 -6.15
N ALA A 246 -14.30 1.61 -6.40
CA ALA A 246 -15.07 1.54 -7.60
C ALA A 246 -15.43 2.95 -7.96
N THR A 247 -15.37 3.27 -9.25
CA THR A 247 -15.78 4.55 -9.77
C THR A 247 -17.25 4.44 -10.26
N ILE A 248 -18.04 5.40 -9.83
CA ILE A 248 -19.48 5.41 -10.11
C ILE A 248 -19.87 6.53 -11.05
N VAL A 249 -18.91 7.40 -11.42
CA VAL A 249 -19.11 8.49 -12.35
C VAL A 249 -17.88 8.63 -13.24
N HIS A 250 -18.02 9.32 -14.37
CA HIS A 250 -16.88 9.53 -15.30
C HIS A 250 -15.85 10.52 -14.73
N GLU A 251 -14.60 10.09 -14.73
CA GLU A 251 -13.46 10.98 -14.43
C GLU A 251 -13.65 11.65 -13.09
N ALA A 252 -13.79 10.86 -12.05
CA ALA A 252 -14.12 11.36 -10.72
C ALA A 252 -13.08 12.30 -10.19
N TRP A 253 -11.84 12.18 -10.69
CA TRP A 253 -10.78 12.99 -10.20
C TRP A 253 -10.27 13.89 -11.27
N ASN A 254 -11.12 14.22 -12.25
CA ASN A 254 -10.73 15.12 -13.30
C ASN A 254 -9.42 14.79 -14.02
N HIS A 255 -9.13 13.50 -14.16
CA HIS A 255 -8.01 12.99 -14.93
C HIS A 255 -6.68 13.51 -14.38
N GLN A 256 -6.56 13.48 -13.04
CA GLN A 256 -5.36 13.92 -12.41
C GLN A 256 -4.19 13.02 -12.78
N SER A 257 -4.49 11.74 -13.03
CA SER A 257 -3.47 10.74 -13.31
C SER A 257 -3.13 10.63 -14.78
N TYR A 258 -2.07 9.90 -15.02
CA TYR A 258 -1.58 9.58 -16.37
C TYR A 258 -2.66 8.97 -17.19
N ASP A 259 -3.29 7.95 -16.61
CA ASP A 259 -4.44 7.32 -17.19
C ASP A 259 -5.74 7.93 -16.69
N SER A 260 -6.72 7.95 -17.59
CA SER A 260 -8.06 8.31 -17.26
C SER A 260 -8.61 7.41 -16.20
N ASP A 261 -9.65 7.89 -15.51
CA ASP A 261 -10.44 7.07 -14.60
C ASP A 261 -11.84 6.86 -15.20
N PRO A 262 -12.01 5.77 -15.97
CA PRO A 262 -13.35 5.54 -16.49
C PRO A 262 -14.33 5.18 -15.37
N SER A 263 -15.62 5.40 -15.61
CA SER A 263 -16.68 4.95 -14.68
C SER A 263 -16.97 3.47 -14.82
N MET A 264 -17.04 2.74 -13.71
CA MET A 264 -17.45 1.33 -13.77
C MET A 264 -18.94 1.23 -13.96
N ILE A 265 -19.60 2.36 -13.85
CA ILE A 265 -21.02 2.44 -14.13
C ILE A 265 -21.21 3.43 -15.25
N LYS A 266 -21.60 2.93 -16.40
CA LYS A 266 -21.76 3.76 -17.57
C LYS A 266 -23.11 4.47 -17.46
N TRP A 267 -23.09 5.76 -17.82
CA TRP A 267 -24.25 6.65 -17.78
C TRP A 267 -24.63 6.90 -19.21
N ARG A 268 -25.92 6.72 -19.50
CA ARG A 268 -26.51 7.15 -20.78
C ARG A 268 -27.75 8.01 -20.48
N LYS A 269 -27.96 9.07 -21.26
CA LYS A 269 -29.27 9.75 -21.30
C LYS A 269 -30.00 9.35 -22.60
N ASN A 270 -31.06 8.55 -22.45
CA ASN A 270 -31.68 7.79 -23.56
C ASN A 270 -32.57 8.57 -24.53
N SER A 271 -33.16 7.85 -25.48
CA SER A 271 -34.08 8.38 -26.50
C SER A 271 -35.21 9.24 -25.92
N TYR A 272 -35.98 8.69 -24.97
CA TYR A 272 -37.00 9.48 -24.26
C TYR A 272 -36.38 10.67 -23.52
N GLY A 273 -35.20 10.47 -22.92
CA GLY A 273 -34.47 11.55 -22.23
C GLY A 273 -34.17 11.30 -20.75
N THR A 274 -34.38 10.07 -20.28
CA THR A 274 -34.02 9.66 -18.92
C THR A 274 -32.60 9.06 -18.90
N PHE A 275 -32.02 9.03 -17.71
CA PHE A 275 -30.72 8.39 -17.46
C PHE A 275 -30.86 6.88 -17.21
N GLU A 276 -29.97 6.10 -17.83
CA GLU A 276 -29.85 4.66 -17.56
C GLU A 276 -28.42 4.39 -17.05
N PHE A 277 -28.28 3.34 -16.25
CA PHE A 277 -27.02 3.00 -15.62
C PHE A 277 -26.63 1.57 -15.89
N ASP A 278 -25.46 1.40 -16.48
CA ASP A 278 -24.99 0.07 -16.84
C ASP A 278 -23.92 -0.41 -15.84
N TYR A 279 -24.30 -1.32 -14.95
CA TYR A 279 -23.47 -1.76 -13.86
C TYR A 279 -22.50 -2.89 -14.23
N SER A 280 -22.38 -3.28 -15.50
CA SER A 280 -21.67 -4.52 -15.83
C SER A 280 -20.24 -4.64 -15.29
N HIS A 281 -19.42 -3.64 -15.54
CA HIS A 281 -18.04 -3.62 -15.08
C HIS A 281 -17.99 -3.65 -13.58
N PHE A 282 -18.79 -2.79 -12.96
CA PHE A 282 -18.91 -2.76 -11.50
C PHE A 282 -19.13 -4.15 -10.97
N ASP A 283 -20.17 -4.82 -11.46
CA ASP A 283 -20.46 -6.12 -10.97
C ASP A 283 -19.32 -7.10 -11.13
N LYS A 284 -18.66 -7.12 -12.28
CA LYS A 284 -17.63 -8.12 -12.52
C LYS A 284 -16.38 -7.89 -11.65
N TRP A 285 -16.06 -6.61 -11.48
CA TRP A 285 -15.00 -6.15 -10.57
C TRP A 285 -15.25 -6.52 -9.11
N ILE A 286 -16.43 -6.17 -8.61
CA ILE A 286 -16.75 -6.56 -7.26
C ILE A 286 -16.75 -8.07 -7.05
N GLN A 287 -17.30 -8.83 -8.00
CA GLN A 287 -17.41 -10.27 -7.80
C GLN A 287 -16.04 -10.93 -7.77
N LEU A 288 -15.10 -10.33 -8.50
CA LEU A 288 -13.76 -10.83 -8.56
C LEU A 288 -13.17 -10.74 -7.15
N ASN A 289 -13.39 -9.57 -6.57
CA ASN A 289 -12.85 -9.24 -5.26
C ASN A 289 -13.52 -10.08 -4.19
N ILE A 290 -14.81 -10.38 -4.39
CA ILE A 290 -15.45 -11.37 -3.50
C ILE A 290 -14.84 -12.75 -3.65
N ASP A 291 -14.75 -13.24 -4.90
CA ASP A 291 -14.19 -14.54 -5.18
C ASP A 291 -12.82 -14.72 -4.60
N LEU A 292 -12.03 -13.65 -4.56
CA LEU A 292 -10.68 -13.71 -4.06
C LEU A 292 -10.61 -13.57 -2.55
N GLY A 293 -11.72 -13.25 -1.91
CA GLY A 293 -11.77 -13.20 -0.46
C GLY A 293 -11.39 -11.85 0.13
N ILE A 294 -11.30 -10.82 -0.71
CA ILE A 294 -11.13 -9.45 -0.20
C ILE A 294 -12.42 -8.91 0.40
N LEU A 295 -13.54 -9.10 -0.29
CA LEU A 295 -14.83 -8.71 0.21
C LEU A 295 -15.64 -9.98 0.62
N ASP A 296 -16.54 -9.83 1.58
CA ASP A 296 -17.52 -10.89 1.92
C ASP A 296 -18.78 -10.19 2.35
N PRO A 297 -19.67 -9.93 1.41
CA PRO A 297 -20.76 -8.96 1.63
C PRO A 297 -21.88 -9.52 2.47
N GLU A 298 -22.01 -10.84 2.49
CA GLU A 298 -23.00 -11.44 3.35
C GLU A 298 -22.51 -11.14 4.77
N LYS A 299 -21.20 -11.28 4.97
CA LYS A 299 -20.59 -11.17 6.30
C LYS A 299 -20.20 -9.73 6.72
N GLY A 300 -20.54 -8.75 5.90
CA GLY A 300 -20.09 -7.39 6.12
C GLY A 300 -18.57 -7.27 6.31
N PHE A 301 -17.76 -8.11 5.64
CA PHE A 301 -16.28 -7.91 5.68
C PHE A 301 -15.81 -7.17 4.44
N GLY A 302 -14.83 -6.28 4.63
CA GLY A 302 -14.45 -5.33 3.55
C GLY A 302 -15.37 -4.21 3.23
N GLN A 303 -14.91 -3.30 2.35
CA GLN A 303 -15.66 -2.18 1.92
C GLN A 303 -15.61 -2.01 0.42
N ILE A 304 -16.74 -1.58 -0.12
CA ILE A 304 -16.81 -1.06 -1.49
C ILE A 304 -16.90 0.46 -1.46
N LYS A 305 -15.82 1.13 -1.87
CA LYS A 305 -15.75 2.57 -1.85
C LYS A 305 -16.02 3.22 -3.21
N CYS A 306 -17.22 3.76 -3.33
CA CYS A 306 -17.73 4.29 -4.57
C CYS A 306 -17.43 5.77 -4.76
N TYR A 307 -16.45 6.10 -5.61
CA TYR A 307 -16.12 7.48 -5.90
C TYR A 307 -16.75 7.94 -7.20
N SER A 308 -17.38 9.12 -7.26
CA SER A 308 -17.90 9.90 -6.11
C SER A 308 -19.17 10.61 -6.55
N ILE A 309 -19.97 10.95 -5.56
CA ILE A 309 -21.10 11.85 -5.74
C ILE A 309 -20.59 13.27 -5.92
N VAL A 310 -19.35 13.55 -5.49
CA VAL A 310 -18.72 14.84 -5.80
C VAL A 310 -17.43 14.71 -6.60
N PRO A 311 -17.58 14.45 -7.91
CA PRO A 311 -16.42 14.46 -8.79
C PRO A 311 -15.65 15.74 -8.69
N TRP A 312 -14.34 15.63 -8.78
CA TRP A 312 -13.49 16.79 -8.83
C TRP A 312 -13.80 17.72 -10.01
N ASN A 313 -13.98 19.00 -9.68
CA ASN A 313 -14.45 20.02 -10.63
C ASN A 313 -15.89 19.80 -11.16
N ASN A 314 -16.66 18.97 -10.47
CA ASN A 314 -18.14 18.85 -10.61
C ASN A 314 -18.80 18.21 -11.86
N ARG A 315 -18.04 18.05 -12.95
CA ARG A 315 -18.61 17.51 -14.20
C ARG A 315 -19.23 16.15 -14.01
N ILE A 316 -20.48 15.99 -14.47
CA ILE A 316 -21.08 14.67 -14.60
C ILE A 316 -21.24 14.42 -16.10
N GLN A 317 -20.68 13.30 -16.57
CA GLN A 317 -20.61 13.04 -18.00
C GLN A 317 -21.44 11.83 -18.34
N TYR A 318 -22.08 11.89 -19.50
CA TYR A 318 -23.00 10.85 -19.91
C TYR A 318 -23.11 10.89 -21.42
N PHE A 319 -23.46 9.74 -21.99
CA PHE A 319 -23.72 9.62 -23.39
C PHE A 319 -25.18 9.98 -23.67
N ASN A 320 -25.41 11.12 -24.31
CA ASN A 320 -26.77 11.56 -24.71
C ASN A 320 -27.07 11.03 -26.11
N GLU A 321 -28.09 10.17 -26.23
CA GLU A 321 -28.39 9.48 -27.51
C GLU A 321 -28.86 10.47 -28.58
N ALA A 322 -29.70 11.41 -28.16
CA ALA A 322 -29.70 12.73 -28.76
C ALA A 322 -28.92 13.56 -27.73
N THR A 323 -27.85 14.25 -28.13
CA THR A 323 -27.43 14.49 -29.52
C THR A 323 -26.48 13.45 -30.10
N ASN A 324 -26.41 12.26 -29.51
CA ASN A 324 -25.44 11.22 -29.89
C ASN A 324 -24.00 11.45 -29.41
N LYS A 325 -23.65 12.69 -29.06
CA LYS A 325 -22.33 12.98 -28.53
C LYS A 325 -22.30 12.67 -27.02
N GLU A 326 -21.09 12.65 -26.45
CA GLU A 326 -20.94 12.65 -25.01
C GLU A 326 -21.27 14.08 -24.54
N GLU A 327 -21.91 14.22 -23.39
CA GLU A 327 -22.27 15.54 -22.87
C GLU A 327 -21.99 15.67 -21.36
N ALA A 328 -21.89 16.90 -20.86
CA ALA A 328 -21.71 17.09 -19.42
C ALA A 328 -22.49 18.28 -18.86
N ILE A 329 -22.66 18.24 -17.54
CA ILE A 329 -23.34 19.27 -16.75
C ILE A 329 -22.51 19.60 -15.50
N ASN A 330 -22.55 20.87 -15.06
CA ASN A 330 -21.73 21.38 -13.94
C ASN A 330 -22.50 21.70 -12.65
N PRO A 331 -23.48 20.86 -12.26
CA PRO A 331 -24.21 21.26 -11.06
C PRO A 331 -23.28 21.32 -9.86
N THR A 332 -23.31 22.43 -9.12
CA THR A 332 -22.60 22.46 -7.85
C THR A 332 -23.40 21.62 -6.84
N PRO A 333 -22.69 21.07 -5.85
CA PRO A 333 -23.31 20.11 -4.90
C PRO A 333 -24.43 20.73 -4.05
N GLY A 334 -25.46 19.94 -3.75
CA GLY A 334 -26.61 20.40 -2.95
C GLY A 334 -27.88 20.83 -3.68
N SER A 335 -27.76 21.38 -4.88
CA SER A 335 -28.92 21.89 -5.63
C SER A 335 -30.02 20.85 -5.93
N ASP A 336 -31.17 21.32 -6.39
CA ASP A 336 -32.30 20.45 -6.76
C ASP A 336 -31.97 19.50 -7.93
N LEU A 337 -31.21 20.00 -8.92
CA LEU A 337 -30.74 19.16 -10.03
C LEU A 337 -29.87 18.04 -9.46
N TRP A 338 -28.86 18.46 -8.71
CA TRP A 338 -27.96 17.57 -8.00
C TRP A 338 -28.74 16.54 -7.17
N ILE A 339 -29.76 16.99 -6.43
CA ILE A 339 -30.55 16.10 -5.53
C ILE A 339 -31.25 15.00 -6.29
N ASN A 340 -31.76 15.36 -7.47
CA ASN A 340 -32.63 14.46 -8.20
C ASN A 340 -31.81 13.39 -8.90
N ILE A 341 -30.74 13.85 -9.56
CA ILE A 341 -29.77 12.97 -10.26
C ILE A 341 -29.25 11.86 -9.35
N TRP A 342 -28.73 12.27 -8.19
CA TRP A 342 -28.01 11.36 -7.34
C TRP A 342 -29.04 10.49 -6.62
N THR A 343 -30.21 11.07 -6.31
CA THR A 343 -31.36 10.30 -5.83
C THR A 343 -31.57 9.10 -6.75
N GLN A 344 -31.75 9.44 -8.02
CA GLN A 344 -31.99 8.51 -9.13
C GLN A 344 -30.99 7.36 -9.07
N PHE A 345 -29.72 7.75 -9.14
CA PHE A 345 -28.62 6.82 -9.15
C PHE A 345 -28.65 5.98 -7.90
N LEU A 346 -28.74 6.68 -6.77
CA LEU A 346 -28.59 6.04 -5.48
C LEU A 346 -29.69 5.02 -5.26
N THR A 347 -30.89 5.39 -5.74
CA THR A 347 -32.06 4.53 -5.79
C THR A 347 -31.83 3.24 -6.58
N SER A 348 -31.37 3.40 -7.83
CA SER A 348 -31.07 2.27 -8.73
C SER A 348 -30.00 1.44 -8.10
N PHE A 349 -28.94 2.15 -7.69
CA PHE A 349 -27.75 1.54 -7.10
C PHE A 349 -28.14 0.75 -5.87
N MET A 350 -29.01 1.35 -5.04
CA MET A 350 -29.51 0.63 -3.87
C MET A 350 -30.18 -0.67 -4.26
N SER A 351 -31.19 -0.59 -5.14
CA SER A 351 -31.89 -1.79 -5.58
C SER A 351 -30.88 -2.78 -6.13
N HIS A 352 -30.00 -2.24 -6.99
CA HIS A 352 -28.98 -3.05 -7.60
C HIS A 352 -28.18 -3.81 -6.56
N LEU A 353 -27.75 -3.10 -5.52
CA LEU A 353 -26.89 -3.72 -4.50
C LEU A 353 -27.67 -4.72 -3.64
N GLU A 354 -28.95 -4.43 -3.44
CA GLU A 354 -29.81 -5.32 -2.67
C GLU A 354 -29.97 -6.67 -3.39
N GLU A 355 -30.15 -6.60 -4.71
CA GLU A 355 -30.07 -7.78 -5.61
C GLU A 355 -28.90 -8.70 -5.31
N LYS A 356 -27.72 -8.10 -5.13
CA LYS A 356 -26.47 -8.83 -5.02
C LYS A 356 -26.13 -9.38 -3.61
N GLY A 357 -26.70 -8.79 -2.55
CA GLY A 357 -26.28 -9.14 -1.18
C GLY A 357 -25.11 -8.29 -0.71
N TRP A 358 -24.91 -7.15 -1.38
CA TRP A 358 -23.68 -6.32 -1.32
C TRP A 358 -23.91 -5.03 -0.58
N PHE A 359 -25.17 -4.69 -0.31
CA PHE A 359 -25.50 -3.31 0.07
C PHE A 359 -24.88 -2.87 1.40
N ASN A 360 -24.67 -3.81 2.31
CA ASN A 360 -24.20 -3.53 3.66
C ASN A 360 -22.75 -3.02 3.69
N ILE A 361 -21.97 -3.33 2.65
CA ILE A 361 -20.54 -2.94 2.63
C ILE A 361 -20.23 -1.81 1.65
N THR A 362 -21.25 -1.13 1.17
CA THR A 362 -21.11 -0.09 0.16
C THR A 362 -21.07 1.33 0.73
N TYR A 363 -19.98 2.03 0.48
CA TYR A 363 -19.82 3.39 0.97
C TYR A 363 -19.79 4.36 -0.20
N ILE A 364 -20.50 5.46 -0.10
CA ILE A 364 -20.36 6.55 -1.04
C ILE A 364 -19.25 7.47 -0.59
N SER A 365 -18.27 7.74 -1.46
CA SER A 365 -16.97 8.31 -1.03
C SER A 365 -16.60 9.60 -1.70
N MET A 366 -15.98 10.47 -0.91
CA MET A 366 -15.51 11.78 -1.32
C MET A 366 -14.02 12.02 -1.01
N ASP A 367 -13.28 12.60 -1.95
CA ASP A 367 -11.79 12.73 -1.86
C ASP A 367 -11.42 14.19 -1.72
N GLU A 368 -11.03 14.60 -0.52
CA GLU A 368 -10.59 15.97 -0.23
C GLU A 368 -11.58 17.07 -0.68
N ARG A 369 -12.87 16.85 -0.46
CA ARG A 369 -13.88 17.84 -0.86
C ARG A 369 -14.22 18.78 0.28
N SER A 370 -14.94 19.86 -0.06
CA SER A 370 -15.31 20.92 0.89
C SER A 370 -16.07 20.41 2.07
N MET A 371 -16.05 21.20 3.15
CA MET A 371 -16.93 20.98 4.29
C MET A 371 -18.38 21.21 3.86
N ASP A 372 -18.60 22.25 3.08
CA ASP A 372 -19.94 22.57 2.61
C ASP A 372 -20.46 21.46 1.66
N ASP A 373 -19.57 20.99 0.78
CA ASP A 373 -19.82 19.82 -0.09
C ASP A 373 -20.31 18.58 0.69
N LEU A 374 -19.55 18.21 1.73
CA LEU A 374 -19.86 17.06 2.55
C LEU A 374 -21.24 17.16 3.18
N LYS A 375 -21.58 18.35 3.69
CA LYS A 375 -22.91 18.68 4.19
C LYS A 375 -24.07 18.10 3.38
N ALA A 376 -24.07 18.41 2.09
CA ALA A 376 -25.09 17.90 1.15
C ALA A 376 -25.17 16.37 1.09
N CYS A 377 -24.01 15.71 1.07
CA CYS A 377 -23.95 14.28 0.79
C CYS A 377 -24.56 13.55 1.96
N VAL A 378 -24.27 14.07 3.14
CA VAL A 378 -24.80 13.51 4.37
C VAL A 378 -26.32 13.66 4.38
N ASP A 379 -26.79 14.82 3.91
CA ASP A 379 -28.23 15.11 3.88
C ASP A 379 -28.95 14.27 2.81
N LEU A 380 -28.49 14.34 1.58
CA LEU A 380 -29.07 13.52 0.53
C LEU A 380 -29.05 12.03 0.91
N ILE A 381 -27.93 11.52 1.42
CA ILE A 381 -27.82 10.10 1.78
C ILE A 381 -28.69 9.77 2.97
N GLU A 382 -28.91 10.76 3.82
CA GLU A 382 -29.89 10.62 4.90
C GLU A 382 -31.24 10.16 4.33
N ASN A 383 -31.68 10.88 3.29
CA ASN A 383 -32.98 10.68 2.60
C ASN A 383 -33.20 9.34 1.90
N ILE A 384 -32.24 8.93 1.08
CA ILE A 384 -32.44 7.74 0.27
C ILE A 384 -32.47 6.53 1.21
N THR A 385 -33.64 5.90 1.34
CA THR A 385 -33.82 4.79 2.28
C THR A 385 -34.62 3.63 1.64
N ASN A 386 -34.55 2.44 2.25
CA ASN A 386 -35.38 1.32 1.81
C ASN A 386 -36.39 0.81 2.86
N ASN A 387 -37.40 0.10 2.39
CA ASN A 387 -38.40 -0.52 3.26
C ASN A 387 -37.83 -1.35 4.43
N SER A 388 -36.52 -1.67 4.41
CA SER A 388 -35.85 -2.38 5.52
C SER A 388 -35.25 -1.47 6.62
N TYR A 389 -35.25 -0.15 6.40
CA TYR A 389 -34.71 0.84 7.35
C TYR A 389 -33.17 1.00 7.23
N GLU A 390 -32.61 0.67 6.06
CA GLU A 390 -31.16 0.61 5.84
C GLU A 390 -30.67 1.86 5.15
N HIS A 391 -29.42 2.25 5.46
CA HIS A 391 -28.81 3.47 4.89
C HIS A 391 -27.42 3.23 4.23
N PHE A 392 -27.15 4.01 3.18
CA PHE A 392 -25.84 4.00 2.50
C PHE A 392 -24.78 4.53 3.45
N LYS A 393 -23.82 3.70 3.86
CA LYS A 393 -22.65 4.17 4.63
C LYS A 393 -21.86 5.21 3.81
N ILE A 394 -21.03 6.02 4.47
CA ILE A 394 -20.37 7.15 3.80
C ILE A 394 -18.88 7.21 4.14
N SER A 395 -18.06 7.75 3.22
CA SER A 395 -16.57 7.79 3.37
C SER A 395 -16.01 9.13 2.87
N SER A 396 -15.02 9.65 3.58
CA SER A 396 -14.39 10.90 3.20
C SER A 396 -12.91 10.85 3.58
N ALA A 397 -12.09 11.36 2.68
CA ALA A 397 -10.65 11.56 2.97
C ALA A 397 -10.43 13.06 2.98
N MET A 398 -9.80 13.55 4.04
CA MET A 398 -9.63 14.99 4.29
C MET A 398 -8.17 15.50 4.36
N ASP A 399 -7.90 16.58 3.64
CA ASP A 399 -6.60 17.28 3.72
C ASP A 399 -6.69 18.49 4.65
N TYR A 400 -7.44 18.29 5.74
CA TYR A 400 -7.73 19.30 6.76
C TYR A 400 -7.89 18.55 8.08
N GLU A 401 -7.57 19.22 9.19
CA GLU A 401 -7.77 18.66 10.53
C GLU A 401 -9.27 18.56 10.84
N ASP A 405 -16.04 18.64 18.60
CA ASP A 405 -17.38 18.54 18.06
C ASP A 405 -17.41 17.50 16.97
N TYR A 406 -18.04 16.37 17.30
CA TYR A 406 -18.17 15.23 16.42
C TYR A 406 -19.56 15.17 15.81
N SER A 407 -20.43 16.09 16.23
CA SER A 407 -21.81 16.09 15.78
C SER A 407 -21.90 15.67 14.33
N PHE A 408 -21.09 16.33 13.49
CA PHE A 408 -21.17 16.14 12.05
C PHE A 408 -20.37 14.95 11.54
N LEU A 409 -19.16 14.78 12.05
CA LEU A 409 -18.26 13.73 11.54
C LEU A 409 -18.75 12.37 11.89
N ASP A 410 -19.55 12.28 12.95
CA ASP A 410 -20.06 10.99 13.37
C ASP A 410 -21.01 10.40 12.37
N ARG A 411 -21.55 11.26 11.50
CA ARG A 411 -22.45 10.86 10.41
C ARG A 411 -21.68 10.34 9.16
N ILE A 412 -20.34 10.42 9.20
CA ILE A 412 -19.49 9.84 8.14
C ILE A 412 -18.91 8.55 8.69
N ASP A 413 -19.19 7.41 8.06
CA ASP A 413 -18.81 6.14 8.65
C ASP A 413 -17.31 5.80 8.51
N ASP A 414 -16.61 6.42 7.58
CA ASP A 414 -15.15 6.15 7.46
C ASP A 414 -14.47 7.46 7.05
N ILE A 415 -13.50 7.90 7.85
CA ILE A 415 -12.79 9.09 7.51
C ILE A 415 -11.31 8.76 7.50
N SER A 416 -10.60 9.47 6.67
CA SER A 416 -9.14 9.29 6.61
C SER A 416 -8.53 10.69 6.64
N ILE A 417 -7.56 10.85 7.49
CA ILE A 417 -6.87 12.12 7.63
C ILE A 417 -5.42 12.05 7.14
N GLY A 418 -5.00 13.02 6.35
CA GLY A 418 -3.62 13.04 5.81
C GLY A 418 -2.59 13.32 6.87
N LEU A 419 -1.43 12.69 6.75
CA LEU A 419 -0.40 12.76 7.76
C LEU A 419 0.03 14.23 8.00
N SER A 420 0.21 14.99 6.95
CA SER A 420 0.71 16.37 7.14
C SER A 420 -0.30 17.23 7.88
N HIS A 421 -1.56 16.76 7.95
CA HIS A 421 -2.60 17.42 8.65
C HIS A 421 -2.87 16.97 10.08
N ILE A 422 -2.06 16.05 10.60
CA ILE A 422 -2.11 15.62 11.95
C ILE A 422 -1.06 16.39 12.73
N ASN A 423 -1.54 17.15 13.70
CA ASN A 423 -0.63 17.89 14.55
C ASN A 423 -0.10 17.01 15.67
N HIS A 424 1.19 16.72 15.62
CA HIS A 424 1.79 15.82 16.59
C HIS A 424 1.79 16.38 18.01
N ASN A 425 1.62 17.70 18.14
CA ASN A 425 1.69 18.32 19.45
C ASN A 425 0.35 18.62 20.05
N SER A 426 -0.66 17.94 19.54
CA SER A 426 -2.04 18.04 20.00
C SER A 426 -2.60 16.62 20.12
N ASP A 427 -3.55 16.43 21.04
CA ASP A 427 -4.27 15.18 21.10
C ASP A 427 -5.55 15.21 20.31
N ASP A 428 -5.77 16.17 19.44
CA ASP A 428 -7.09 16.30 18.75
C ASP A 428 -7.40 15.07 17.87
N MET A 429 -6.42 14.65 17.10
CA MET A 429 -6.55 13.47 16.27
C MET A 429 -6.82 12.22 17.06
N LYS A 430 -5.98 11.96 18.04
CA LYS A 430 -6.11 10.77 18.80
C LYS A 430 -7.48 10.77 19.50
N ASN A 431 -7.91 11.91 20.04
CA ASN A 431 -9.21 11.94 20.72
C ASN A 431 -10.39 11.70 19.78
N MET A 432 -10.32 12.24 18.57
CA MET A 432 -11.36 12.03 17.60
C MET A 432 -11.42 10.55 17.22
N ALA A 433 -10.27 9.91 17.06
CA ALA A 433 -10.22 8.51 16.60
C ALA A 433 -10.71 7.59 17.71
N THR A 434 -10.34 7.92 18.94
CA THR A 434 -10.85 7.19 20.10
C THR A 434 -12.37 7.31 20.16
N HIS A 435 -12.90 8.50 19.98
CA HIS A 435 -14.33 8.66 19.94
C HIS A 435 -14.98 7.85 18.83
N ARG A 436 -14.45 7.97 17.60
CA ARG A 436 -15.02 7.24 16.46
C ARG A 436 -15.03 5.75 16.68
N GLN A 437 -13.97 5.18 17.29
CA GLN A 437 -13.94 3.77 17.58
C GLN A 437 -15.09 3.36 18.51
N GLU A 438 -15.35 4.20 19.50
CA GLU A 438 -16.41 3.89 20.48
C GLU A 438 -17.75 3.75 19.75
N LEU A 439 -17.93 4.49 18.66
CA LEU A 439 -19.15 4.39 17.85
C LEU A 439 -19.14 3.30 16.76
N GLY A 440 -18.09 2.47 16.72
CA GLY A 440 -17.88 1.51 15.64
C GLY A 440 -17.63 2.10 14.26
N LEU A 441 -17.16 3.36 14.19
CA LEU A 441 -16.85 4.03 12.96
C LEU A 441 -15.38 3.72 12.60
N LEU A 442 -15.06 3.94 11.31
CA LEU A 442 -13.69 3.74 10.79
C LEU A 442 -12.93 5.07 10.72
N THR A 443 -11.63 5.01 11.00
CA THR A 443 -10.77 6.16 10.91
C THR A 443 -9.39 5.65 10.45
N THR A 444 -8.79 6.30 9.48
CA THR A 444 -7.42 5.91 9.09
C THR A 444 -6.61 7.18 8.93
N ILE A 445 -5.32 7.00 8.65
CA ILE A 445 -4.47 8.09 8.18
C ILE A 445 -4.04 7.76 6.75
N TYR A 446 -3.65 8.78 5.96
CA TYR A 446 -3.11 8.53 4.63
C TYR A 446 -1.85 9.38 4.40
N THR A 447 -1.10 8.98 3.42
CA THR A 447 -0.03 9.80 2.94
C THR A 447 -0.15 9.96 1.43
N CYS A 448 0.39 11.06 0.93
CA CYS A 448 0.25 11.39 -0.44
C CYS A 448 1.41 12.38 -0.79
N THR A 449 1.27 13.00 -1.94
CA THR A 449 2.21 14.06 -2.35
C THR A 449 2.38 15.06 -1.24
N GLY A 450 3.63 15.47 -1.00
CA GLY A 450 3.96 16.47 -0.02
C GLY A 450 4.16 15.95 1.40
N ASP A 451 3.81 14.69 1.68
CA ASP A 451 4.02 14.15 2.99
C ASP A 451 5.40 13.67 3.16
N TYR A 452 5.88 13.77 4.40
CA TYR A 452 7.04 13.06 4.91
C TYR A 452 6.77 12.70 6.35
N PRO A 453 6.99 11.44 6.75
CA PRO A 453 7.30 10.25 5.92
C PRO A 453 6.26 9.92 4.88
N SER A 454 6.66 9.18 3.84
CA SER A 454 5.76 8.81 2.77
C SER A 454 6.30 7.58 2.05
N SER A 455 5.71 7.31 0.88
CA SER A 455 5.93 6.04 0.19
C SER A 455 6.22 6.29 -1.31
N PHE A 456 7.22 7.15 -1.53
CA PHE A 456 7.67 7.49 -2.85
C PHE A 456 8.85 6.68 -3.25
N THR A 457 9.08 6.65 -4.57
CA THR A 457 10.30 6.01 -5.08
C THR A 457 11.57 6.52 -4.41
N ILE A 458 11.61 7.83 -4.19
CA ILE A 458 12.76 8.47 -3.54
C ILE A 458 12.80 8.36 -2.03
N SER A 459 11.68 7.96 -1.40
CA SER A 459 11.65 7.80 0.05
C SER A 459 12.60 6.69 0.52
N ASP A 460 13.02 6.78 1.76
CA ASP A 460 13.65 5.64 2.44
C ASP A 460 12.50 4.61 2.64
N PRO A 461 12.69 3.35 2.23
CA PRO A 461 11.54 2.42 2.41
C PRO A 461 11.03 2.32 3.87
N SER A 462 11.92 2.43 4.87
CA SER A 462 11.47 2.37 6.27
C SER A 462 10.43 3.42 6.64
N GLU A 463 10.30 4.50 5.84
CA GLU A 463 9.27 5.46 6.10
C GLU A 463 7.88 4.83 6.14
N GLY A 464 7.68 3.78 5.35
CA GLY A 464 6.33 3.13 5.35
C GLY A 464 6.06 2.37 6.65
N ALA A 465 7.04 1.73 7.21
CA ALA A 465 6.85 1.04 8.47
C ALA A 465 6.53 2.10 9.55
N PHE A 466 7.31 3.19 9.55
CA PHE A 466 6.93 4.31 10.44
C PHE A 466 5.49 4.76 10.28
N THR A 467 5.06 4.94 9.04
CA THR A 467 3.69 5.35 8.70
C THR A 467 2.65 4.46 9.37
N ILE A 468 2.86 3.16 9.28
CA ILE A 468 1.89 2.23 9.91
C ILE A 468 1.88 2.37 11.43
N TRP A 469 3.07 2.43 12.04
CA TRP A 469 3.15 2.65 13.48
C TRP A 469 2.44 3.96 13.89
N TYR A 470 2.59 4.98 13.06
CA TYR A 470 1.99 6.27 13.35
C TYR A 470 0.43 6.16 13.37
N SER A 471 -0.14 5.29 12.54
CA SER A 471 -1.59 5.08 12.50
C SER A 471 -2.08 4.52 13.83
N LEU A 472 -1.24 3.73 14.48
CA LEU A 472 -1.60 3.10 15.76
C LEU A 472 -1.37 4.13 16.90
N TYR A 473 -0.30 4.93 16.79
CA TYR A 473 -0.03 6.01 17.75
C TYR A 473 -1.15 6.98 17.91
N GLN A 474 -1.83 7.27 16.80
CA GLN A 474 -2.98 8.12 16.78
C GLN A 474 -4.32 7.39 17.08
N ASN A 475 -4.20 6.16 17.49
CA ASN A 475 -5.41 5.32 17.76
C ASN A 475 -6.44 5.26 16.66
N THR A 476 -5.96 5.14 15.43
CA THR A 476 -6.83 4.91 14.28
C THR A 476 -6.87 3.42 13.92
N ASN A 477 -7.74 3.07 12.98
CA ASN A 477 -7.91 1.68 12.60
C ASN A 477 -6.81 1.23 11.63
N GLY A 478 -6.10 2.18 11.02
CA GLY A 478 -5.05 1.78 10.08
C GLY A 478 -4.78 2.84 9.02
N PHE A 479 -4.62 2.39 7.78
CA PHE A 479 -3.92 3.22 6.75
C PHE A 479 -4.56 3.14 5.42
N LEU A 480 -4.73 4.29 4.79
CA LEU A 480 -5.27 4.38 3.47
C LEU A 480 -4.20 5.00 2.56
N ARG A 481 -4.16 4.59 1.29
CA ARG A 481 -3.29 5.27 0.28
C ARG A 481 -3.90 5.13 -1.10
N TRP A 482 -3.85 6.21 -1.86
CA TRP A 482 -4.56 6.28 -3.10
C TRP A 482 -3.90 5.49 -4.25
N SER A 483 -2.82 4.78 -3.97
CA SER A 483 -1.81 4.48 -4.93
C SER A 483 -1.41 3.00 -5.00
N TRP A 484 -2.33 2.10 -5.24
CA TRP A 484 -1.87 0.71 -5.41
C TRP A 484 -1.06 0.52 -6.70
N ASP A 485 -1.61 1.00 -7.79
CA ASP A 485 -1.28 0.47 -9.13
C ASP A 485 -1.48 1.56 -10.23
N GLY A 486 -1.31 2.83 -9.88
CA GLY A 486 -1.53 3.97 -10.83
C GLY A 486 -0.30 4.19 -11.72
N TRP A 487 -0.08 3.25 -12.61
CA TRP A 487 1.18 3.27 -13.42
C TRP A 487 1.19 4.44 -14.39
N VAL A 488 2.39 4.99 -14.59
CA VAL A 488 2.71 5.86 -15.72
C VAL A 488 2.96 4.97 -16.95
N GLU A 489 3.57 5.50 -18.01
CA GLU A 489 3.65 4.73 -19.28
C GLU A 489 4.35 3.38 -19.14
N ASN A 490 5.56 3.41 -18.60
CA ASN A 490 6.48 2.30 -18.61
C ASN A 490 7.32 2.40 -17.33
N PRO A 491 6.66 2.20 -16.18
CA PRO A 491 7.33 2.35 -14.89
C PRO A 491 8.63 1.62 -14.74
N LEU A 492 8.80 0.44 -15.37
CA LEU A 492 10.01 -0.35 -15.19
C LEU A 492 11.23 0.36 -15.70
N GLU A 493 11.03 1.28 -16.63
CA GLU A 493 12.14 2.11 -17.15
C GLU A 493 12.14 3.59 -16.66
N ASN A 494 10.99 4.23 -16.53
N ASN A 494 10.96 4.13 -16.39
CA ASN A 494 10.91 5.60 -15.97
CA ASN A 494 10.75 5.56 -16.14
C ASN A 494 9.61 5.71 -15.21
C ASN A 494 9.52 5.77 -15.26
N VAL A 495 9.67 6.41 -14.09
CA VAL A 495 8.50 6.63 -13.23
C VAL A 495 8.00 8.03 -13.23
N SER A 496 8.70 8.91 -13.95
CA SER A 496 8.41 10.35 -13.87
C SER A 496 7.09 10.70 -14.46
N TYR A 497 6.39 11.58 -13.75
CA TYR A 497 5.10 12.13 -14.11
C TYR A 497 5.10 13.62 -13.85
N LYS A 498 4.23 14.31 -14.57
CA LYS A 498 4.18 15.76 -14.48
C LYS A 498 3.94 16.28 -13.07
N TYR A 499 3.21 15.53 -12.23
CA TYR A 499 2.82 15.93 -10.91
C TYR A 499 3.38 14.94 -9.93
N TRP A 500 3.64 15.44 -8.73
CA TRP A 500 3.97 14.65 -7.52
C TRP A 500 5.38 14.14 -7.46
N GLU A 501 5.77 13.78 -6.26
CA GLU A 501 7.00 13.02 -6.12
C GLU A 501 6.94 11.68 -6.92
N PRO A 502 8.10 11.19 -7.38
CA PRO A 502 8.11 10.04 -8.23
C PRO A 502 7.71 8.77 -7.49
N GLY A 503 6.84 8.02 -8.14
CA GLY A 503 6.33 6.80 -7.56
C GLY A 503 5.13 6.99 -6.68
N ASP A 504 4.74 8.24 -6.44
CA ASP A 504 3.60 8.49 -5.56
C ASP A 504 2.35 7.67 -5.98
N PRO A 505 2.02 7.53 -7.30
CA PRO A 505 0.77 6.87 -7.64
C PRO A 505 0.75 5.34 -7.62
N PHE A 506 1.86 4.68 -7.35
CA PHE A 506 1.83 3.21 -7.42
C PHE A 506 2.78 2.60 -6.46
N LEU A 507 2.31 1.58 -5.75
CA LEU A 507 3.10 0.83 -4.80
C LEU A 507 3.62 -0.51 -5.36
N ILE A 508 3.00 -0.96 -6.44
CA ILE A 508 3.50 -2.07 -7.18
C ILE A 508 3.90 -1.63 -8.58
N TYR A 509 4.80 -2.37 -9.18
CA TYR A 509 5.09 -2.23 -10.62
C TYR A 509 4.38 -3.26 -11.45
N PRO A 510 4.07 -2.91 -12.71
CA PRO A 510 3.73 -4.00 -13.64
C PRO A 510 4.90 -4.88 -13.95
N ALA A 511 4.63 -6.02 -14.55
CA ALA A 511 5.70 -6.81 -15.12
C ALA A 511 5.99 -6.32 -16.54
N GLU A 512 6.98 -6.92 -17.16
CA GLU A 512 7.26 -6.59 -18.56
C GLU A 512 6.02 -6.87 -19.41
N LYS A 513 5.76 -6.00 -20.38
CA LYS A 513 4.51 -6.09 -21.15
C LYS A 513 4.18 -7.45 -21.74
N ASP A 514 5.19 -8.08 -22.30
CA ASP A 514 5.02 -9.36 -22.94
C ASP A 514 5.15 -10.52 -21.95
N SER A 515 5.41 -10.23 -20.67
CA SER A 515 5.64 -11.28 -19.67
C SER A 515 4.69 -12.47 -19.78
N ILE A 516 5.23 -13.67 -19.79
CA ILE A 516 4.40 -14.86 -19.60
C ILE A 516 4.68 -15.37 -18.19
N GLY A 517 3.68 -15.28 -17.33
CA GLY A 517 3.90 -15.61 -15.94
C GLY A 517 3.64 -14.38 -15.10
N LYS A 518 4.71 -13.65 -14.81
CA LYS A 518 4.63 -12.55 -13.84
C LYS A 518 3.67 -11.44 -14.28
N THR A 519 2.90 -10.84 -13.35
CA THR A 519 2.00 -9.73 -13.71
C THR A 519 2.26 -8.45 -12.91
N PHE A 520 3.21 -8.51 -12.00
CA PHE A 520 3.52 -7.37 -11.13
C PHE A 520 4.78 -7.66 -10.38
N TYR A 521 5.41 -6.60 -9.88
CA TYR A 521 6.58 -6.69 -9.03
C TYR A 521 6.33 -5.79 -7.82
N SER A 522 6.79 -6.25 -6.68
CA SER A 522 6.69 -5.47 -5.46
C SER A 522 7.84 -4.49 -5.39
N THR A 523 7.85 -3.72 -4.29
CA THR A 523 8.84 -2.63 -4.09
C THR A 523 9.29 -2.66 -2.65
N PRO A 524 10.52 -2.15 -2.35
CA PRO A 524 10.95 -2.07 -0.96
C PRO A 524 9.95 -1.25 -0.14
N ARG A 525 9.37 -0.20 -0.73
CA ARG A 525 8.51 0.66 0.06
C ARG A 525 7.24 -0.06 0.41
N LEU A 526 6.75 -0.89 -0.49
CA LEU A 526 5.57 -1.71 -0.21
C LEU A 526 5.86 -2.76 0.84
N GLU A 527 6.97 -3.43 0.72
CA GLU A 527 7.38 -4.45 1.70
C GLU A 527 7.50 -3.84 3.12
N LYS A 528 7.97 -2.58 3.22
CA LYS A 528 7.96 -1.90 4.51
C LYS A 528 6.58 -1.59 5.08
N LEU A 529 5.62 -1.19 4.26
CA LEU A 529 4.25 -1.05 4.69
C LEU A 529 3.72 -2.45 5.19
N LYS A 530 4.01 -3.52 4.46
CA LYS A 530 3.63 -4.87 4.90
C LYS A 530 4.19 -5.21 6.26
N GLU A 531 5.47 -4.92 6.46
CA GLU A 531 6.17 -5.13 7.70
C GLU A 531 5.52 -4.39 8.86
N GLY A 532 5.26 -3.13 8.65
CA GLY A 532 4.57 -2.30 9.61
C GLY A 532 3.21 -2.84 10.02
N ILE A 533 2.47 -3.32 9.06
CA ILE A 533 1.15 -3.93 9.28
C ILE A 533 1.33 -5.17 10.13
N ARG A 534 2.23 -6.06 9.74
CA ARG A 534 2.50 -7.27 10.57
C ARG A 534 2.83 -6.90 11.99
N ASP A 535 3.61 -5.85 12.13
CA ASP A 535 4.11 -5.52 13.44
C ASP A 535 3.11 -4.78 14.35
N ILE A 536 2.25 -3.93 13.80
CA ILE A 536 1.20 -3.33 14.59
C ILE A 536 0.19 -4.45 14.93
N ASN A 537 0.10 -5.46 14.07
CA ASN A 537 -0.78 -6.60 14.38
C ASN A 537 -0.21 -7.40 15.54
N LYS A 538 1.11 -7.49 15.62
CA LYS A 538 1.79 -8.10 16.76
C LYS A 538 1.46 -7.38 18.05
N ALA A 539 1.60 -6.06 18.02
CA ALA A 539 1.39 -5.24 19.21
C ALA A 539 0.00 -5.40 19.72
N LYS A 540 -0.98 -5.37 18.83
CA LYS A 540 -2.33 -5.46 19.25
C LYS A 540 -2.64 -6.84 19.80
N TYR A 541 -2.12 -7.87 19.16
CA TYR A 541 -2.31 -9.26 19.62
C TYR A 541 -1.76 -9.39 21.07
N LEU A 542 -0.59 -8.84 21.30
CA LEU A 542 0.07 -8.93 22.60
C LEU A 542 -0.68 -8.18 23.65
N MET A 543 -1.24 -7.01 23.32
CA MET A 543 -1.95 -6.25 24.33
C MET A 543 -3.19 -7.02 24.78
N GLU A 544 -3.79 -7.83 23.92
CA GLU A 544 -4.93 -8.69 24.38
C GLU A 544 -4.48 -9.93 25.08
N LYS A 545 -3.34 -10.48 24.69
CA LYS A 545 -2.91 -11.77 25.21
C LYS A 545 -2.20 -11.60 26.53
N ALA A 546 -1.57 -10.44 26.76
CA ALA A 546 -0.76 -10.24 27.98
C ALA A 546 -1.13 -9.00 28.78
N PRO A 547 -2.22 -9.09 29.56
CA PRO A 547 -2.66 -7.93 30.32
C PRO A 547 -1.58 -7.42 31.25
N ASN A 548 -0.74 -8.30 31.77
CA ASN A 548 0.34 -7.86 32.67
C ASN A 548 1.39 -7.04 31.94
N LEU A 549 1.39 -7.10 30.60
CA LEU A 549 2.30 -6.30 29.77
C LEU A 549 1.62 -5.25 28.95
N LYS A 550 0.29 -5.15 28.97
CA LYS A 550 -0.35 -4.21 28.09
C LYS A 550 0.06 -2.75 28.29
N ASN A 551 0.07 -2.28 29.55
CA ASN A 551 0.39 -0.87 29.80
C ASN A 551 1.80 -0.55 29.31
N SER A 552 2.70 -1.48 29.53
CA SER A 552 4.08 -1.33 29.12
C SER A 552 4.15 -1.26 27.59
N ILE A 553 3.37 -2.09 26.90
CA ILE A 553 3.30 -2.05 25.44
C ILE A 553 2.78 -0.71 24.95
N GLU A 554 1.65 -0.27 25.50
CA GLU A 554 1.09 1.03 25.23
C GLU A 554 2.10 2.15 25.48
N ASN A 555 2.87 2.09 26.58
CA ASN A 555 3.89 3.12 26.86
C ASN A 555 4.88 3.17 25.73
N LEU A 556 5.23 2.01 25.20
CA LEU A 556 6.18 1.93 24.08
C LEU A 556 5.59 2.56 22.85
N ILE A 557 4.34 2.20 22.51
CA ILE A 557 3.69 2.71 21.31
C ILE A 557 3.56 4.23 21.39
N TYR A 558 3.21 4.73 22.57
CA TYR A 558 2.91 6.15 22.68
C TYR A 558 4.16 6.98 22.92
N SER A 559 5.32 6.32 22.98
CA SER A 559 6.65 6.98 22.95
C SER A 559 7.17 7.39 21.61
N LEU A 560 6.38 7.12 20.55
CA LEU A 560 6.80 7.31 19.20
C LEU A 560 7.14 8.79 18.97
N LYS A 561 8.32 9.04 18.42
CA LYS A 561 8.70 10.42 18.01
C LYS A 561 8.36 10.65 16.54
N ARG A 562 8.15 11.91 16.18
CA ARG A 562 7.83 12.18 14.83
C ARG A 562 8.76 13.18 14.18
N PRO A 563 9.40 12.77 13.08
CA PRO A 563 10.18 13.66 12.27
C PRO A 563 9.33 14.74 11.62
N ASN A 564 9.93 15.90 11.52
CA ASN A 564 9.31 16.92 10.71
C ASN A 564 9.67 16.84 9.25
N LYS A 565 8.86 17.50 8.40
CA LYS A 565 9.09 17.47 6.95
C LYS A 565 9.79 18.74 6.47
N GLY A 566 10.49 18.60 5.39
CA GLY A 566 11.06 19.75 4.62
C GLY A 566 10.87 19.50 3.16
N GLU A 567 11.61 20.24 2.32
CA GLU A 567 11.56 20.01 0.88
C GLU A 567 12.97 19.93 0.31
N ASN A 568 13.17 19.15 -0.75
CA ASN A 568 14.48 19.16 -1.44
C ASN A 568 14.51 20.42 -2.37
N ALA A 569 15.61 20.61 -3.08
CA ALA A 569 15.74 21.79 -3.96
C ALA A 569 14.79 21.78 -5.16
N TYR A 570 14.13 20.64 -5.41
CA TYR A 570 13.31 20.42 -6.54
C TYR A 570 11.83 20.25 -6.21
N GLY A 571 11.46 20.52 -4.98
CA GLY A 571 10.09 20.66 -4.58
C GLY A 571 9.51 19.40 -3.92
N SER A 572 10.32 18.37 -3.76
CA SER A 572 9.80 17.10 -3.19
C SER A 572 9.90 17.14 -1.68
N ALA A 573 8.92 16.52 -0.97
CA ALA A 573 8.99 16.48 0.47
C ALA A 573 10.06 15.49 0.89
N VAL A 574 10.81 15.83 1.91
CA VAL A 574 11.90 15.04 2.48
C VAL A 574 11.93 15.26 3.97
N ALA A 575 12.85 14.64 4.72
CA ALA A 575 13.01 15.01 6.13
C ALA A 575 13.43 16.47 6.29
N ALA A 576 12.98 17.10 7.37
CA ALA A 576 13.35 18.50 7.71
C ALA A 576 14.85 18.61 7.93
N SER A 577 15.48 17.53 8.35
CA SER A 577 16.95 17.48 8.58
C SER A 577 17.48 16.06 8.55
N LYS A 578 18.80 15.93 8.52
CA LYS A 578 19.39 14.63 8.60
C LYS A 578 19.00 13.95 9.91
N GLU A 579 18.93 14.71 10.99
CA GLU A 579 18.52 14.12 12.27
C GLU A 579 17.10 13.55 12.17
N ASP A 580 16.21 14.27 11.50
CA ASP A 580 14.76 13.80 11.37
C ASP A 580 14.69 12.54 10.51
N ARG A 581 15.50 12.53 9.47
CA ARG A 581 15.56 11.41 8.55
C ARG A 581 16.01 10.16 9.28
N ASP A 582 17.06 10.31 10.09
CA ASP A 582 17.60 9.19 10.86
C ASP A 582 16.60 8.74 11.95
N LEU A 583 15.88 9.68 12.55
CA LEU A 583 14.79 9.42 13.53
C LEU A 583 13.67 8.52 12.98
N THR A 584 13.24 8.74 11.77
CA THR A 584 12.20 7.90 11.15
C THR A 584 12.60 6.46 11.20
N ILE A 585 13.85 6.22 10.76
CA ILE A 585 14.43 4.88 10.71
C ILE A 585 14.62 4.26 12.09
N SER A 586 15.22 5.03 12.98
CA SER A 586 15.53 4.49 14.32
C SER A 586 14.29 4.21 15.15
N GLU A 587 13.28 5.04 14.99
CA GLU A 587 12.01 4.87 15.68
C GLU A 587 11.32 3.61 15.21
N ALA A 588 11.16 3.43 13.90
CA ALA A 588 10.47 2.24 13.37
C ALA A 588 11.16 0.96 13.91
N ASN A 589 12.50 0.94 13.92
CA ASN A 589 13.23 -0.18 14.49
C ASN A 589 13.06 -0.37 15.97
N ARG A 590 13.09 0.72 16.72
CA ARG A 590 12.98 0.70 18.14
C ARG A 590 11.65 0.09 18.55
N ILE A 591 10.61 0.51 17.86
CA ILE A 591 9.28 0.02 18.27
C ILE A 591 9.15 -1.44 17.93
N LYS A 592 9.54 -1.83 16.73
CA LYS A 592 9.47 -3.26 16.31
C LYS A 592 10.23 -4.09 17.32
N ASN A 593 11.44 -3.66 17.65
CA ASN A 593 12.27 -4.50 18.51
C ASN A 593 11.74 -4.61 19.93
N GLY A 594 11.18 -3.50 20.41
CA GLY A 594 10.43 -3.45 21.66
C GLY A 594 9.31 -4.45 21.75
N ILE A 595 8.48 -4.46 20.71
CA ILE A 595 7.36 -5.37 20.69
C ILE A 595 7.84 -6.82 20.70
N ASN A 596 8.85 -7.14 19.90
CA ASN A 596 9.41 -8.49 19.92
C ASN A 596 10.03 -8.85 21.26
N ASN A 597 10.54 -7.88 21.99
CA ASN A 597 11.11 -8.19 23.33
C ASN A 597 10.04 -8.34 24.40
N PHE A 598 8.91 -7.68 24.20
CA PHE A 598 7.77 -7.94 25.00
C PHE A 598 7.17 -9.33 24.75
N ALA A 599 7.16 -9.73 23.47
CA ALA A 599 6.70 -11.05 23.11
C ALA A 599 7.50 -12.09 23.83
N ARG A 600 8.82 -11.91 23.86
CA ARG A 600 9.70 -12.82 24.63
C ARG A 600 9.32 -12.93 26.11
N GLU A 601 9.01 -11.79 26.70
CA GLU A 601 8.62 -11.79 28.10
C GLU A 601 7.33 -12.52 28.32
N PHE A 602 6.34 -12.31 27.45
CA PHE A 602 5.07 -12.99 27.59
C PHE A 602 5.28 -14.52 27.42
N ILE A 603 6.17 -14.88 26.49
CA ILE A 603 6.42 -16.28 26.25
C ILE A 603 7.06 -16.90 27.51
N SER A 604 7.99 -16.16 28.10
CA SER A 604 8.63 -16.58 29.33
C SER A 604 7.62 -16.82 30.45
N LEU A 605 6.60 -15.97 30.48
CA LEU A 605 5.49 -16.08 31.42
C LEU A 605 4.62 -17.31 31.19
N THR A 606 4.12 -17.50 29.99
CA THR A 606 3.11 -18.54 29.77
C THR A 606 3.66 -19.96 29.57
N MET A 607 4.97 -20.07 29.48
CA MET A 607 5.66 -21.35 29.45
C MET A 607 5.22 -22.23 30.64
#